data_1JFU
#
_entry.id   1JFU
#
_cell.length_a   50.62
_cell.length_b   75.15
_cell.length_c   82.99
_cell.angle_alpha   90.00
_cell.angle_beta   90.00
_cell.angle_gamma   90.00
#
_symmetry.space_group_name_H-M   'P 21 21 21'
#
loop_
_entity.id
_entity.type
_entity.pdbx_description
1 polymer 'THIOL:DISULFIDE INTERCHANGE PROTEIN TLPA'
2 water water
#
_entity_poly.entity_id   1
_entity_poly.type   'polypeptide(L)'
_entity_poly.pdbx_seq_one_letter_code
;SRAPTGDPACRAAVATAQKIAPLAHGEVAALTMASAPLKLPDLAFEDADGKPKKLSDFRGKTLLVNLWATWCVPCRKEMP
ALDELQGKLSGPNFEVVAINIDTRDPEKPKTFLKEANLTRLGYFNDQKAKVFQDLKAIGRALGMPTSVLVDPQGCEIATI
AGPAEWASEDALKLIRAATGKAAAAL
;
_entity_poly.pdbx_strand_id   A,B
#
# COMPACT_ATOMS: atom_id res chain seq x y z
N THR A 5 -1.68 -11.95 15.36
CA THR A 5 -0.94 -12.18 14.08
C THR A 5 -1.04 -10.99 13.14
N GLY A 6 0.11 -10.40 12.83
CA GLY A 6 0.17 -9.23 11.97
C GLY A 6 -0.12 -9.46 10.51
N ASP A 7 -0.15 -8.38 9.76
CA ASP A 7 -0.38 -8.38 8.34
C ASP A 7 0.80 -9.02 7.61
N PRO A 8 0.59 -10.12 6.87
CA PRO A 8 1.70 -10.79 6.16
C PRO A 8 2.38 -9.92 5.11
N ALA A 9 1.76 -8.81 4.71
CA ALA A 9 2.44 -7.88 3.84
C ALA A 9 3.64 -7.25 4.55
N CYS A 10 3.71 -7.40 5.86
CA CYS A 10 4.78 -6.76 6.65
C CYS A 10 5.95 -7.67 7.00
N ARG A 11 5.99 -8.86 6.39
CA ARG A 11 7.07 -9.81 6.65
C ARG A 11 8.38 -9.31 6.12
N ALA A 12 8.38 -8.63 4.98
CA ALA A 12 9.63 -8.15 4.42
C ALA A 12 10.20 -7.09 5.36
N ALA A 13 9.32 -6.32 5.99
CA ALA A 13 9.77 -5.29 6.92
C ALA A 13 10.54 -5.90 8.10
N VAL A 14 10.03 -7.03 8.61
CA VAL A 14 10.70 -7.75 9.69
C VAL A 14 12.05 -8.26 9.24
N ALA A 15 12.12 -8.82 8.03
CA ALA A 15 13.42 -9.26 7.52
C ALA A 15 14.42 -8.14 7.40
N THR A 16 13.94 -6.97 6.96
CA THR A 16 14.77 -5.79 6.85
C THR A 16 15.29 -5.42 8.25
N ALA A 17 14.39 -5.43 9.24
CA ALA A 17 14.76 -5.09 10.61
C ALA A 17 15.84 -6.03 11.12
N GLN A 18 15.67 -7.31 10.84
CA GLN A 18 16.68 -8.29 11.28
C GLN A 18 18.01 -8.02 10.59
N LYS A 19 17.98 -7.64 9.32
CA LYS A 19 19.21 -7.35 8.56
C LYS A 19 19.99 -6.15 9.09
N ILE A 20 19.28 -5.14 9.54
CA ILE A 20 19.95 -3.91 9.96
C ILE A 20 20.14 -3.83 11.47
N ALA A 21 19.58 -4.78 12.20
CA ALA A 21 19.72 -4.79 13.65
C ALA A 21 21.13 -4.49 14.19
N PRO A 22 22.14 -5.11 13.60
CA PRO A 22 23.50 -4.86 14.06
C PRO A 22 23.90 -3.41 13.95
N LEU A 23 23.24 -2.64 13.07
CA LEU A 23 23.61 -1.25 12.85
C LEU A 23 22.94 -0.37 13.90
N ALA A 24 22.04 -0.92 14.71
CA ALA A 24 21.41 -0.10 15.74
C ALA A 24 22.28 -0.06 16.99
N HIS A 25 23.31 0.77 16.94
CA HIS A 25 24.18 0.96 18.10
C HIS A 25 24.57 2.42 18.10
N GLY A 26 25.41 2.84 19.03
CA GLY A 26 25.83 4.23 19.09
C GLY A 26 24.67 5.22 19.13
N GLU A 27 24.70 6.19 18.20
CA GLU A 27 23.67 7.24 18.18
C GLU A 27 22.27 6.68 18.01
N VAL A 28 22.17 5.49 17.42
CA VAL A 28 20.87 4.90 17.15
C VAL A 28 20.65 3.62 17.91
N ALA A 29 21.30 3.49 19.05
CA ALA A 29 21.18 2.27 19.84
C ALA A 29 19.80 2.14 20.46
N ALA A 30 19.06 3.26 20.58
CA ALA A 30 17.74 3.21 21.19
C ALA A 30 16.65 2.79 20.17
N LEU A 31 17.04 2.56 18.92
CA LEU A 31 16.09 2.09 17.91
C LEU A 31 15.82 0.63 18.16
N THR A 32 14.55 0.27 18.36
CA THR A 32 14.14 -1.12 18.60
C THR A 32 13.59 -1.75 17.35
N MET A 33 14.20 -2.85 16.91
CA MET A 33 13.80 -3.49 15.66
C MET A 33 12.45 -4.18 15.79
N ALA A 34 11.67 -4.16 14.69
CA ALA A 34 10.41 -4.87 14.70
C ALA A 34 10.71 -6.37 14.85
N SER A 35 9.90 -7.10 15.59
CA SER A 35 10.13 -8.52 15.70
C SER A 35 8.92 -9.31 15.22
N ALA A 36 7.86 -8.57 14.87
CA ALA A 36 6.68 -9.19 14.29
C ALA A 36 6.12 -8.29 13.17
N PRO A 37 5.41 -8.84 12.19
CA PRO A 37 4.84 -8.02 11.14
C PRO A 37 3.80 -7.08 11.74
N LEU A 38 3.96 -5.81 11.45
CA LEU A 38 3.06 -4.81 12.02
C LEU A 38 2.80 -3.69 11.02
N LYS A 39 1.55 -3.64 10.53
CA LYS A 39 1.08 -2.59 9.65
C LYS A 39 0.67 -1.40 10.52
N LEU A 40 1.30 -0.25 10.29
CA LEU A 40 0.91 0.92 11.08
C LEU A 40 -0.50 1.35 10.72
N PRO A 41 -1.15 2.02 11.65
CA PRO A 41 -2.43 2.67 11.35
C PRO A 41 -2.19 3.67 10.24
N ASP A 42 -3.19 3.88 9.39
CA ASP A 42 -3.03 4.81 8.30
C ASP A 42 -3.22 6.22 8.82
N LEU A 43 -2.15 6.76 9.42
CA LEU A 43 -2.17 8.09 10.07
C LEU A 43 -2.76 9.13 9.14
N ALA A 44 -3.63 9.98 9.68
CA ALA A 44 -4.22 11.05 8.88
C ALA A 44 -3.73 12.41 9.41
N PHE A 45 -3.21 13.24 8.52
CA PHE A 45 -2.65 14.54 8.91
C PHE A 45 -2.78 15.50 7.77
N GLU A 46 -2.25 16.71 7.94
CA GLU A 46 -2.36 17.73 6.92
C GLU A 46 -0.98 18.13 6.44
N ASP A 47 -0.91 18.69 5.23
CA ASP A 47 0.33 19.25 4.78
C ASP A 47 0.41 20.75 5.14
N ALA A 48 1.45 21.43 4.68
CA ALA A 48 1.62 22.83 5.06
C ALA A 48 0.46 23.70 4.60
N ASP A 49 -0.28 23.26 3.59
CA ASP A 49 -1.38 24.07 3.09
C ASP A 49 -2.75 23.55 3.53
N GLY A 50 -2.75 22.66 4.53
CA GLY A 50 -3.99 22.13 5.06
C GLY A 50 -4.66 21.06 4.21
N LYS A 51 -3.95 20.56 3.21
CA LYS A 51 -4.53 19.48 2.41
C LYS A 51 -4.35 18.15 3.14
N PRO A 52 -5.41 17.35 3.20
CA PRO A 52 -5.33 16.05 3.87
C PRO A 52 -4.32 15.09 3.23
N LYS A 53 -3.55 14.45 4.10
CA LYS A 53 -2.58 13.45 3.76
C LYS A 53 -2.82 12.22 4.62
N LYS A 54 -2.36 11.08 4.14
CA LYS A 54 -2.42 9.86 4.92
C LYS A 54 -1.06 9.18 4.74
N LEU A 55 -0.68 8.37 5.72
CA LEU A 55 0.55 7.60 5.62
C LEU A 55 0.62 6.80 4.33
N SER A 56 -0.51 6.22 3.92
CA SER A 56 -0.55 5.43 2.70
C SER A 56 -0.31 6.24 1.44
N ASP A 57 -0.41 7.57 1.53
CA ASP A 57 -0.03 8.38 0.37
C ASP A 57 1.47 8.24 0.03
N PHE A 58 2.25 7.83 1.03
CA PHE A 58 3.70 7.71 0.92
C PHE A 58 4.13 6.26 0.69
N ARG A 59 3.17 5.36 0.54
CA ARG A 59 3.52 3.97 0.25
C ARG A 59 4.41 3.91 -1.00
N GLY A 60 5.36 2.98 -0.99
CA GLY A 60 6.33 2.90 -2.08
C GLY A 60 7.71 3.44 -1.70
N LYS A 61 7.75 4.26 -0.65
CA LYS A 61 9.01 4.75 -0.08
C LYS A 61 9.24 4.23 1.32
N THR A 62 10.51 4.17 1.72
CA THR A 62 10.87 3.93 3.11
C THR A 62 10.75 5.32 3.72
N LEU A 63 10.30 5.38 4.97
CA LEU A 63 10.06 6.67 5.61
C LEU A 63 10.58 6.67 7.03
N LEU A 64 10.97 7.86 7.51
CA LEU A 64 11.14 8.01 8.95
C LEU A 64 9.98 8.93 9.31
N VAL A 65 9.00 8.38 10.05
CA VAL A 65 7.85 9.15 10.50
C VAL A 65 8.12 9.65 11.89
N ASN A 66 8.13 10.96 12.11
CA ASN A 66 8.46 11.51 13.42
C ASN A 66 7.26 12.28 13.95
N LEU A 67 6.99 12.20 15.26
CA LEU A 67 5.96 13.07 15.85
C LEU A 67 6.71 14.06 16.74
N TRP A 68 6.41 15.34 16.57
CA TRP A 68 7.09 16.40 17.32
C TRP A 68 6.10 17.48 17.73
N ALA A 69 6.49 18.32 18.67
CA ALA A 69 5.64 19.42 19.12
C ALA A 69 6.51 20.52 19.71
N THR A 70 6.06 21.78 19.64
CA THR A 70 6.84 22.90 20.17
C THR A 70 6.96 22.85 21.67
N TRP A 71 6.01 22.19 22.33
CA TRP A 71 6.09 22.03 23.78
C TRP A 71 7.03 20.91 24.23
N CYS A 72 7.59 20.17 23.27
CA CYS A 72 8.48 19.05 23.56
C CYS A 72 9.95 19.44 23.44
N VAL A 73 10.66 19.55 24.57
CA VAL A 73 12.02 20.06 24.54
C VAL A 73 13.01 19.21 23.72
N PRO A 74 13.10 17.91 23.95
CA PRO A 74 14.01 17.09 23.12
C PRO A 74 13.57 17.10 21.65
N CYS A 75 12.28 17.25 21.39
CA CYS A 75 11.85 17.33 19.98
C CYS A 75 12.39 18.58 19.31
N ARG A 76 12.25 19.75 19.95
CA ARG A 76 12.78 20.96 19.31
C ARG A 76 14.27 20.77 19.00
N LYS A 77 14.98 20.14 19.92
CA LYS A 77 16.42 20.01 19.78
C LYS A 77 16.83 19.10 18.61
N GLU A 78 15.98 18.15 18.26
CA GLU A 78 16.37 17.23 17.18
C GLU A 78 15.83 17.60 15.80
N MET A 79 14.98 18.62 15.74
CA MET A 79 14.45 19.01 14.43
C MET A 79 15.53 19.35 13.38
N PRO A 80 16.59 20.08 13.76
CA PRO A 80 17.66 20.35 12.79
C PRO A 80 18.27 19.07 12.21
N ALA A 81 18.46 18.06 13.06
CA ALA A 81 19.02 16.77 12.62
C ALA A 81 18.08 16.09 11.63
N LEU A 82 16.76 16.18 11.89
CA LEU A 82 15.80 15.54 10.98
C LEU A 82 15.81 16.22 9.62
N ASP A 83 15.90 17.55 9.67
CA ASP A 83 15.98 18.34 8.47
C ASP A 83 17.24 17.99 7.68
N GLU A 84 18.35 17.79 8.40
CA GLU A 84 19.59 17.47 7.73
C GLU A 84 19.51 16.09 7.10
N LEU A 85 18.90 15.15 7.82
CA LEU A 85 18.75 13.79 7.31
C LEU A 85 17.91 13.84 6.05
N GLN A 86 16.83 14.61 6.11
CA GLN A 86 15.99 14.80 4.92
C GLN A 86 16.81 15.28 3.73
N GLY A 87 17.70 16.23 3.97
CA GLY A 87 18.48 16.80 2.87
C GLY A 87 19.50 15.80 2.36
N LYS A 88 19.97 14.90 3.20
CA LYS A 88 20.97 13.92 2.80
C LYS A 88 20.40 12.72 2.05
N LEU A 89 19.20 12.30 2.43
CA LEU A 89 18.65 11.05 1.92
C LEU A 89 17.30 11.09 1.19
N SER A 90 16.56 12.20 1.28
CA SER A 90 15.28 12.31 0.59
C SER A 90 15.46 12.08 -0.91
N GLY A 91 14.57 11.28 -1.50
CA GLY A 91 14.67 10.92 -2.91
C GLY A 91 13.56 9.95 -3.25
N PRO A 92 13.69 9.33 -4.41
CA PRO A 92 12.67 8.40 -4.90
C PRO A 92 12.36 7.25 -3.94
N ASN A 93 13.29 6.87 -3.06
CA ASN A 93 13.07 5.75 -2.19
C ASN A 93 12.94 6.05 -0.70
N PHE A 94 13.12 7.32 -0.32
CA PHE A 94 13.10 7.73 1.08
C PHE A 94 12.67 9.19 1.30
N GLU A 95 11.98 9.37 2.43
CA GLU A 95 11.54 10.69 2.90
C GLU A 95 11.36 10.67 4.41
N VAL A 96 11.67 11.81 5.03
CA VAL A 96 11.36 12.05 6.44
C VAL A 96 9.95 12.68 6.45
N VAL A 97 9.02 12.12 7.24
CA VAL A 97 7.70 12.70 7.40
C VAL A 97 7.58 13.11 8.86
N ALA A 98 7.91 14.36 9.14
CA ALA A 98 7.85 14.90 10.50
C ALA A 98 6.52 15.57 10.67
N ILE A 99 5.70 15.03 11.57
CA ILE A 99 4.33 15.55 11.79
C ILE A 99 4.26 16.29 13.10
N ASN A 100 3.92 17.58 13.04
CA ASN A 100 3.80 18.36 14.25
C ASN A 100 2.44 18.07 14.88
N ILE A 101 2.38 17.99 16.21
CA ILE A 101 1.09 17.68 16.84
C ILE A 101 0.64 18.80 17.80
N ASP A 102 1.08 20.03 17.59
CA ASP A 102 0.60 21.11 18.46
C ASP A 102 -0.92 21.22 18.27
N THR A 103 -1.65 21.47 19.34
CA THR A 103 -3.10 21.61 19.24
C THR A 103 -3.55 23.01 19.61
N ARG A 104 -2.72 23.72 20.35
CA ARG A 104 -3.11 25.01 20.94
C ARG A 104 -3.06 26.16 19.95
N ASP A 105 -1.87 26.43 19.42
CA ASP A 105 -1.65 27.55 18.52
C ASP A 105 -0.91 27.11 17.24
N PRO A 106 -1.69 26.96 16.17
CA PRO A 106 -1.19 26.52 14.86
C PRO A 106 -0.07 27.34 14.23
N GLU A 107 0.14 28.58 14.64
CA GLU A 107 1.18 29.40 14.02
C GLU A 107 2.53 29.22 14.69
N LYS A 108 2.52 28.69 15.92
CA LYS A 108 3.74 28.50 16.70
C LYS A 108 4.79 27.55 16.07
N PRO A 109 4.40 26.38 15.61
CA PRO A 109 5.37 25.46 14.97
C PRO A 109 5.92 26.05 13.67
N LYS A 110 5.09 26.80 12.95
CA LYS A 110 5.51 27.42 11.67
C LYS A 110 6.60 28.43 11.99
N THR A 111 6.38 29.23 13.02
CA THR A 111 7.38 30.22 13.41
C THR A 111 8.64 29.48 13.87
N PHE A 112 8.48 28.39 14.61
CA PHE A 112 9.65 27.65 15.08
C PHE A 112 10.53 27.18 13.91
N LEU A 113 9.91 26.57 12.92
CA LEU A 113 10.66 26.05 11.79
C LEU A 113 11.34 27.18 10.99
N LYS A 114 10.61 28.27 10.83
CA LYS A 114 11.14 29.40 10.09
C LYS A 114 12.34 30.03 10.79
N GLU A 115 12.23 30.27 12.09
CA GLU A 115 13.34 30.88 12.83
C GLU A 115 14.54 29.96 12.88
N ALA A 116 14.29 28.66 12.79
CA ALA A 116 15.35 27.66 12.81
C ALA A 116 15.89 27.39 11.40
N ASN A 117 15.27 28.01 10.40
CA ASN A 117 15.63 27.84 8.99
C ASN A 117 15.61 26.37 8.60
N LEU A 118 14.54 25.70 9.01
CA LEU A 118 14.32 24.31 8.64
C LEU A 118 13.19 24.31 7.64
N THR A 119 13.54 24.12 6.37
CA THR A 119 12.58 24.16 5.28
C THR A 119 12.45 22.87 4.48
N ARG A 120 13.38 21.93 4.66
CA ARG A 120 13.33 20.71 3.87
C ARG A 120 12.23 19.76 4.32
N LEU A 121 11.81 19.90 5.56
CA LEU A 121 10.76 19.03 6.12
C LEU A 121 9.33 19.38 5.73
N GLY A 122 9.13 20.54 5.10
CA GLY A 122 7.79 21.01 4.81
C GLY A 122 7.09 21.35 6.12
N TYR A 123 5.78 21.14 6.20
CA TYR A 123 5.10 21.35 7.47
C TYR A 123 3.90 20.40 7.60
N PHE A 124 4.19 19.12 7.87
CA PHE A 124 3.09 18.23 8.13
C PHE A 124 2.59 18.48 9.54
N ASN A 125 1.28 18.31 9.74
CA ASN A 125 0.71 18.63 11.03
C ASN A 125 -0.64 17.97 11.24
N ASP A 126 -0.90 17.66 12.50
CA ASP A 126 -2.18 17.09 12.89
C ASP A 126 -2.59 17.87 14.13
N GLN A 127 -3.46 18.85 13.89
CA GLN A 127 -3.92 19.70 14.97
C GLN A 127 -4.87 19.03 15.97
N LYS A 128 -5.19 17.75 15.76
CA LYS A 128 -6.00 16.95 16.67
C LYS A 128 -5.10 16.09 17.54
N ALA A 129 -3.82 15.97 17.12
CA ALA A 129 -2.84 15.11 17.78
C ALA A 129 -3.30 13.64 17.85
N LYS A 130 -4.25 13.28 17.00
CA LYS A 130 -4.74 11.90 16.95
C LYS A 130 -3.67 10.91 16.52
N VAL A 131 -2.70 11.39 15.73
CA VAL A 131 -1.68 10.46 15.27
C VAL A 131 -0.90 9.91 16.44
N PHE A 132 -0.75 10.69 17.49
CA PHE A 132 -0.05 10.21 18.68
C PHE A 132 -0.88 9.09 19.31
N GLN A 133 -2.18 9.33 19.45
CA GLN A 133 -3.08 8.32 20.02
C GLN A 133 -3.10 7.04 19.18
N ASP A 134 -3.04 7.18 17.86
CA ASP A 134 -3.02 6.03 16.96
C ASP A 134 -1.81 5.15 17.20
N LEU A 135 -0.63 5.77 17.35
CA LEU A 135 0.57 5.01 17.59
C LEU A 135 0.61 4.48 19.02
N LYS A 136 0.02 5.24 19.95
CA LYS A 136 0.00 4.81 21.34
C LYS A 136 -0.79 3.50 21.45
N ALA A 137 -1.85 3.42 20.66
CA ALA A 137 -2.74 2.28 20.66
C ALA A 137 -2.07 0.98 20.21
N ILE A 138 -0.97 1.07 19.46
CA ILE A 138 -0.25 -0.15 19.04
C ILE A 138 1.05 -0.30 19.79
N GLY A 139 1.17 0.46 20.86
CA GLY A 139 2.32 0.39 21.74
C GLY A 139 3.58 0.97 21.18
N ARG A 140 3.42 1.96 20.31
CA ARG A 140 4.55 2.62 19.65
C ARG A 140 4.67 4.11 19.90
N ALA A 141 4.06 4.61 20.96
CA ALA A 141 4.22 6.02 21.27
C ALA A 141 4.23 6.07 22.79
N LEU A 142 5.41 6.03 23.39
CA LEU A 142 5.52 6.01 24.85
C LEU A 142 5.85 7.37 25.43
N GLY A 143 6.07 8.34 24.55
CA GLY A 143 6.47 9.67 24.96
C GLY A 143 6.82 10.46 23.71
N MET A 144 7.51 11.58 23.89
CA MET A 144 7.78 12.47 22.78
C MET A 144 9.23 12.87 22.82
N PRO A 145 9.93 12.89 21.68
CA PRO A 145 9.38 12.50 20.38
C PRO A 145 9.23 10.99 20.26
N THR A 146 8.44 10.56 19.28
CA THR A 146 8.44 9.18 18.83
C THR A 146 8.78 9.18 17.33
N SER A 147 9.63 8.26 16.88
CA SER A 147 9.90 8.18 15.44
C SER A 147 9.85 6.71 15.04
N VAL A 148 9.26 6.46 13.88
CA VAL A 148 9.15 5.08 13.40
C VAL A 148 9.74 5.01 12.02
N LEU A 149 10.63 4.02 11.81
CA LEU A 149 11.17 3.77 10.47
C LEU A 149 10.17 2.81 9.82
N VAL A 150 9.64 3.20 8.64
CA VAL A 150 8.49 2.52 8.00
C VAL A 150 8.90 2.03 6.62
N ASP A 151 8.53 0.81 6.25
CA ASP A 151 8.88 0.33 4.91
C ASP A 151 7.89 0.79 3.85
N PRO A 152 8.17 0.51 2.57
CA PRO A 152 7.25 0.86 1.47
C PRO A 152 5.82 0.27 1.53
N GLN A 153 5.55 -0.69 2.41
CA GLN A 153 4.18 -1.20 2.59
C GLN A 153 3.51 -0.58 3.86
N GLY A 154 4.15 0.42 4.45
CA GLY A 154 3.60 1.05 5.61
C GLY A 154 3.76 0.23 6.86
N CYS A 155 4.76 -0.66 6.82
CA CYS A 155 5.04 -1.58 7.93
C CYS A 155 6.15 -1.12 8.82
N GLU A 156 6.08 -1.48 10.11
CA GLU A 156 7.15 -1.13 11.05
C GLU A 156 8.46 -1.86 10.74
N ILE A 157 9.55 -1.09 10.60
CA ILE A 157 10.90 -1.66 10.60
C ILE A 157 11.49 -1.50 12.03
N ALA A 158 11.36 -0.29 12.59
CA ALA A 158 11.89 -0.05 13.94
C ALA A 158 11.25 1.20 14.52
N THR A 159 11.27 1.32 15.84
CA THR A 159 10.71 2.48 16.49
C THR A 159 11.66 2.97 17.57
N ILE A 160 11.79 4.28 17.69
CA ILE A 160 12.56 4.86 18.81
C ILE A 160 11.66 5.73 19.70
N ALA A 161 11.72 5.47 21.00
CA ALA A 161 11.01 6.27 21.98
C ALA A 161 12.01 7.27 22.54
N GLY A 162 12.25 8.33 21.77
CA GLY A 162 13.15 9.38 22.18
C GLY A 162 13.83 9.97 20.96
N PRO A 163 14.68 10.96 21.19
CA PRO A 163 15.42 11.67 20.14
C PRO A 163 16.72 10.97 19.72
N ALA A 164 17.22 11.35 18.57
CA ALA A 164 18.50 10.78 18.11
C ALA A 164 19.24 11.78 17.27
N GLU A 165 20.54 11.60 17.16
CA GLU A 165 21.34 12.39 16.22
C GLU A 165 21.14 11.81 14.82
N TRP A 166 20.05 12.22 14.18
CA TRP A 166 19.63 11.58 12.98
C TRP A 166 20.49 11.89 11.77
N ALA A 167 21.38 12.87 11.88
CA ALA A 167 22.27 13.21 10.76
C ALA A 167 23.67 12.64 10.96
N SER A 168 23.82 11.88 12.05
CA SER A 168 25.08 11.21 12.37
C SER A 168 25.42 10.06 11.40
N GLU A 169 26.67 9.66 11.40
CA GLU A 169 27.11 8.54 10.57
C GLU A 169 26.36 7.27 10.87
N ASP A 170 26.17 6.98 12.16
CA ASP A 170 25.47 5.75 12.57
C ASP A 170 24.06 5.78 12.00
N ALA A 171 23.38 6.91 12.14
CA ALA A 171 22.01 7.01 11.66
C ALA A 171 21.88 6.91 10.15
N LEU A 172 22.73 7.61 9.39
CA LEU A 172 22.70 7.51 7.95
C LEU A 172 22.96 6.10 7.48
N LYS A 173 23.90 5.43 8.13
CA LYS A 173 24.25 4.08 7.67
C LYS A 173 23.06 3.16 7.86
N LEU A 174 22.40 3.28 9.01
CA LEU A 174 21.23 2.45 9.27
C LEU A 174 20.10 2.74 8.31
N ILE A 175 19.81 4.02 8.08
CA ILE A 175 18.70 4.36 7.18
C ILE A 175 18.96 3.93 5.76
N ARG A 176 20.18 4.15 5.27
CA ARG A 176 20.53 3.71 3.93
C ARG A 176 20.36 2.20 3.81
N ALA A 177 20.85 1.46 4.80
CA ALA A 177 20.72 0.01 4.77
C ALA A 177 19.27 -0.42 4.73
N ALA A 178 18.40 0.29 5.43
CA ALA A 178 17.00 -0.09 5.45
C ALA A 178 16.31 0.20 4.13
N THR A 179 16.75 1.25 3.46
CA THR A 179 16.16 1.71 2.21
C THR A 179 16.41 0.81 1.02
N GLY A 180 17.69 0.51 0.79
CA GLY A 180 18.15 -0.24 -0.36
C GLY A 180 17.97 -1.74 -0.24
N PRO B 4 -1.97 17.14 -13.67
CA PRO B 4 -1.54 15.82 -13.11
C PRO B 4 -2.76 15.14 -12.54
N THR B 5 -3.16 14.05 -13.17
CA THR B 5 -4.27 13.29 -12.67
C THR B 5 -3.64 12.09 -11.98
N GLY B 6 -4.28 11.53 -10.98
CA GLY B 6 -3.74 10.32 -10.41
C GLY B 6 -2.58 10.29 -9.43
N ASP B 7 -2.71 9.32 -8.55
CA ASP B 7 -1.81 9.11 -7.43
C ASP B 7 -0.33 8.88 -7.81
N PRO B 8 0.58 9.73 -7.30
CA PRO B 8 2.01 9.63 -7.62
C PRO B 8 2.59 8.27 -7.23
N ALA B 9 2.02 7.66 -6.19
CA ALA B 9 2.51 6.39 -5.72
C ALA B 9 2.21 5.28 -6.76
N CYS B 10 1.41 5.61 -7.75
CA CYS B 10 1.07 4.62 -8.78
C CYS B 10 1.98 4.75 -10.02
N ARG B 11 3.02 5.58 -9.94
CA ARG B 11 3.95 5.67 -11.08
C ARG B 11 4.71 4.37 -11.37
N ALA B 12 5.11 3.63 -10.34
CA ALA B 12 5.81 2.38 -10.59
C ALA B 12 4.93 1.39 -11.35
N ALA B 13 3.62 1.40 -11.11
CA ALA B 13 2.73 0.50 -11.82
C ALA B 13 2.73 0.79 -13.33
N VAL B 14 2.82 2.07 -13.67
CA VAL B 14 2.86 2.47 -15.08
C VAL B 14 4.15 1.98 -15.66
N ALA B 15 5.23 2.12 -14.90
CA ALA B 15 6.50 1.64 -15.41
C ALA B 15 6.47 0.12 -15.57
N THR B 16 5.75 -0.56 -14.67
CA THR B 16 5.58 -2.00 -14.82
C THR B 16 4.76 -2.28 -16.07
N ALA B 17 3.71 -1.50 -16.25
CA ALA B 17 2.87 -1.65 -17.42
C ALA B 17 3.70 -1.52 -18.72
N GLN B 18 4.56 -0.51 -18.78
CA GLN B 18 5.37 -0.25 -19.97
C GLN B 18 6.34 -1.40 -20.22
N LYS B 19 6.89 -1.93 -19.13
CA LYS B 19 7.84 -3.03 -19.17
C LYS B 19 7.24 -4.32 -19.68
N ILE B 20 6.02 -4.62 -19.27
CA ILE B 20 5.38 -5.86 -19.69
C ILE B 20 4.48 -5.74 -20.93
N ALA B 21 4.30 -4.53 -21.45
CA ALA B 21 3.44 -4.35 -22.64
C ALA B 21 3.73 -5.30 -23.82
N PRO B 22 5.01 -5.57 -24.13
CA PRO B 22 5.32 -6.49 -25.22
C PRO B 22 4.83 -7.89 -24.96
N LEU B 23 4.50 -8.20 -23.71
CA LEU B 23 4.01 -9.54 -23.41
C LEU B 23 2.49 -9.62 -23.54
N ALA B 24 1.83 -8.48 -23.68
CA ALA B 24 0.37 -8.48 -23.80
C ALA B 24 -0.03 -8.75 -25.27
N HIS B 25 0.09 -10.00 -25.66
CA HIS B 25 -0.30 -10.40 -27.01
C HIS B 25 -0.99 -11.77 -26.98
N GLY B 26 -1.31 -12.33 -28.15
CA GLY B 26 -1.93 -13.64 -28.19
C GLY B 26 -3.20 -13.67 -27.32
N GLU B 27 -3.27 -14.64 -26.42
CA GLU B 27 -4.45 -14.80 -25.59
C GLU B 27 -4.81 -13.58 -24.74
N VAL B 28 -3.83 -12.73 -24.42
CA VAL B 28 -4.09 -11.57 -23.58
C VAL B 28 -3.81 -10.28 -24.33
N ALA B 29 -3.91 -10.37 -25.67
CA ALA B 29 -3.74 -9.23 -26.54
C ALA B 29 -4.72 -8.10 -26.26
N ALA B 30 -5.86 -8.42 -25.64
CA ALA B 30 -6.88 -7.41 -25.36
C ALA B 30 -6.65 -6.62 -24.05
N LEU B 31 -5.59 -6.96 -23.31
CA LEU B 31 -5.25 -6.23 -22.09
C LEU B 31 -4.80 -4.85 -22.46
N THR B 32 -5.36 -3.84 -21.84
CA THR B 32 -4.90 -2.51 -22.12
C THR B 32 -4.06 -2.03 -20.95
N MET B 33 -2.81 -1.75 -21.23
CA MET B 33 -1.88 -1.33 -20.20
C MET B 33 -2.16 0.08 -19.71
N ALA B 34 -1.95 0.30 -18.42
CA ALA B 34 -2.12 1.62 -17.85
C ALA B 34 -1.10 2.57 -18.46
N SER B 35 -1.53 3.80 -18.74
CA SER B 35 -0.60 4.79 -19.24
C SER B 35 -0.56 5.98 -18.27
N ALA B 36 -1.47 5.98 -17.29
CA ALA B 36 -1.54 7.02 -16.24
C ALA B 36 -1.56 6.33 -14.89
N PRO B 37 -0.99 6.95 -13.86
CA PRO B 37 -1.00 6.34 -12.53
C PRO B 37 -2.43 6.37 -12.05
N LEU B 38 -2.90 5.25 -11.54
CA LEU B 38 -4.28 5.17 -11.12
C LEU B 38 -4.45 4.25 -9.91
N LYS B 39 -4.86 4.84 -8.78
CA LYS B 39 -5.11 4.08 -7.57
C LYS B 39 -6.55 3.59 -7.70
N LEU B 40 -6.74 2.28 -7.70
CA LEU B 40 -8.07 1.73 -7.82
C LEU B 40 -8.93 2.09 -6.62
N PRO B 41 -10.23 2.25 -6.84
CA PRO B 41 -11.18 2.42 -5.74
C PRO B 41 -10.98 1.25 -4.78
N ASP B 42 -11.17 1.47 -3.48
CA ASP B 42 -11.00 0.39 -2.51
C ASP B 42 -12.24 -0.49 -2.47
N LEU B 43 -12.35 -1.35 -3.48
CA LEU B 43 -13.53 -2.19 -3.65
C LEU B 43 -13.88 -2.91 -2.36
N ALA B 44 -15.15 -2.83 -2.01
CA ALA B 44 -15.68 -3.50 -0.82
C ALA B 44 -16.55 -4.69 -1.25
N PHE B 45 -16.24 -5.85 -0.70
CA PHE B 45 -17.00 -7.05 -1.00
C PHE B 45 -16.94 -7.99 0.19
N GLU B 46 -17.47 -9.19 0.03
CA GLU B 46 -17.53 -10.19 1.10
C GLU B 46 -16.80 -11.46 0.69
N ASP B 47 -16.34 -12.22 1.69
CA ASP B 47 -15.76 -13.54 1.42
C ASP B 47 -16.74 -14.69 1.56
N ALA B 48 -16.21 -15.92 1.46
CA ALA B 48 -17.01 -17.15 1.50
C ALA B 48 -17.82 -17.32 2.78
N ASP B 49 -17.32 -16.81 3.90
CA ASP B 49 -18.06 -16.91 5.17
C ASP B 49 -18.93 -15.68 5.44
N GLY B 50 -18.91 -14.70 4.54
CA GLY B 50 -19.67 -13.47 4.73
C GLY B 50 -18.94 -12.28 5.39
N LYS B 51 -17.64 -12.41 5.57
CA LYS B 51 -16.84 -11.34 6.20
C LYS B 51 -16.43 -10.26 5.20
N PRO B 52 -16.41 -9.03 5.67
CA PRO B 52 -16.08 -7.87 4.83
C PRO B 52 -14.61 -7.86 4.38
N LYS B 53 -14.43 -7.65 3.09
CA LYS B 53 -13.06 -7.57 2.54
C LYS B 53 -12.94 -6.27 1.79
N LYS B 54 -11.71 -5.77 1.63
CA LYS B 54 -11.46 -4.57 0.85
C LYS B 54 -10.29 -4.90 -0.08
N LEU B 55 -10.22 -4.25 -1.24
CA LEU B 55 -9.10 -4.43 -2.13
C LEU B 55 -7.77 -4.12 -1.39
N SER B 56 -7.79 -3.14 -0.48
CA SER B 56 -6.58 -2.79 0.25
C SER B 56 -6.09 -3.85 1.22
N ASP B 57 -6.92 -4.86 1.49
CA ASP B 57 -6.50 -5.97 2.34
C ASP B 57 -5.46 -6.81 1.58
N PHE B 58 -5.33 -6.55 0.29
CA PHE B 58 -4.46 -7.36 -0.56
C PHE B 58 -3.18 -6.65 -0.97
N ARG B 59 -2.98 -5.46 -0.43
CA ARG B 59 -1.74 -4.73 -0.68
C ARG B 59 -0.53 -5.60 -0.27
N GLY B 60 0.58 -5.45 -1.01
CA GLY B 60 1.75 -6.32 -0.87
C GLY B 60 1.82 -7.45 -1.90
N LYS B 61 0.72 -7.71 -2.62
CA LYS B 61 0.72 -8.73 -3.67
C LYS B 61 0.26 -8.12 -4.96
N THR B 62 0.66 -8.74 -6.07
CA THR B 62 0.09 -8.42 -7.36
C THR B 62 -1.23 -9.20 -7.40
N LEU B 63 -2.26 -8.63 -8.01
CA LEU B 63 -3.56 -9.31 -8.07
C LEU B 63 -4.17 -9.29 -9.45
N LEU B 64 -4.97 -10.30 -9.75
CA LEU B 64 -5.88 -10.20 -10.89
C LEU B 64 -7.29 -10.11 -10.27
N VAL B 65 -7.91 -8.92 -10.33
CA VAL B 65 -9.25 -8.70 -9.79
C VAL B 65 -10.22 -8.91 -10.94
N ASN B 66 -11.16 -9.84 -10.79
CA ASN B 66 -12.13 -10.17 -11.82
C ASN B 66 -13.52 -9.92 -11.27
N LEU B 67 -14.41 -9.37 -12.11
CA LEU B 67 -15.81 -9.27 -11.80
C LEU B 67 -16.57 -10.21 -12.75
N TRP B 68 -17.38 -11.08 -12.19
CA TRP B 68 -18.12 -12.09 -12.94
C TRP B 68 -19.52 -12.24 -12.41
N ALA B 69 -20.40 -12.83 -13.23
CA ALA B 69 -21.79 -13.08 -12.83
C ALA B 69 -22.32 -14.32 -13.54
N THR B 70 -23.32 -15.01 -12.97
CA THR B 70 -23.90 -16.19 -13.62
C THR B 70 -24.71 -15.85 -14.87
N TRP B 71 -25.16 -14.60 -14.96
CA TRP B 71 -25.92 -14.13 -16.11
C TRP B 71 -25.03 -13.80 -17.34
N CYS B 72 -23.71 -13.75 -17.09
CA CYS B 72 -22.70 -13.40 -18.08
C CYS B 72 -22.10 -14.65 -18.71
N VAL B 73 -22.41 -14.90 -19.98
CA VAL B 73 -21.92 -16.12 -20.62
C VAL B 73 -20.40 -16.23 -20.74
N PRO B 74 -19.75 -15.21 -21.28
CA PRO B 74 -18.28 -15.23 -21.36
C PRO B 74 -17.66 -15.40 -19.95
N CYS B 75 -18.33 -14.86 -18.93
CA CYS B 75 -17.79 -14.98 -17.57
C CYS B 75 -17.80 -16.46 -17.13
N ARG B 76 -18.96 -17.10 -17.22
CA ARG B 76 -19.07 -18.49 -16.82
C ARG B 76 -18.00 -19.30 -17.54
N LYS B 77 -17.78 -19.02 -18.82
CA LYS B 77 -16.88 -19.87 -19.57
C LYS B 77 -15.40 -19.68 -19.18
N GLU B 78 -15.08 -18.49 -18.69
CA GLU B 78 -13.69 -18.29 -18.34
C GLU B 78 -13.36 -18.58 -16.85
N MET B 79 -14.35 -18.86 -16.02
CA MET B 79 -14.02 -19.13 -14.63
C MET B 79 -13.06 -20.32 -14.48
N PRO B 80 -13.17 -21.42 -15.24
CA PRO B 80 -12.18 -22.50 -15.08
C PRO B 80 -10.77 -21.98 -15.30
N ALA B 81 -10.60 -21.12 -16.29
CA ALA B 81 -9.29 -20.54 -16.59
C ALA B 81 -8.75 -19.79 -15.36
N LEU B 82 -9.58 -18.93 -14.79
CA LEU B 82 -9.19 -18.18 -13.61
C LEU B 82 -8.81 -19.09 -12.46
N ASP B 83 -9.60 -20.15 -12.26
CA ASP B 83 -9.35 -21.10 -11.18
C ASP B 83 -8.00 -21.79 -11.43
N GLU B 84 -7.66 -22.04 -12.69
CA GLU B 84 -6.38 -22.70 -12.98
C GLU B 84 -5.20 -21.77 -12.76
N LEU B 85 -5.37 -20.49 -13.12
CA LEU B 85 -4.34 -19.48 -12.96
C LEU B 85 -4.05 -19.34 -11.47
N GLN B 86 -5.12 -19.30 -10.70
CA GLN B 86 -5.02 -19.27 -9.19
C GLN B 86 -4.20 -20.44 -8.69
N GLY B 87 -4.54 -21.63 -9.14
CA GLY B 87 -3.81 -22.83 -8.75
C GLY B 87 -2.33 -22.79 -9.05
N LYS B 88 -1.98 -22.23 -10.21
CA LYS B 88 -0.61 -22.16 -10.65
C LYS B 88 0.22 -21.07 -9.95
N LEU B 89 -0.38 -19.89 -9.76
CA LEU B 89 0.42 -18.75 -9.31
C LEU B 89 0.09 -18.18 -7.90
N SER B 90 -0.99 -18.62 -7.27
CA SER B 90 -1.36 -18.07 -5.98
C SER B 90 -0.30 -18.33 -4.92
N GLY B 91 -0.03 -17.34 -4.09
CA GLY B 91 0.99 -17.50 -3.04
C GLY B 91 1.23 -16.14 -2.42
N PRO B 92 2.34 -15.97 -1.70
CA PRO B 92 2.63 -14.71 -1.02
C PRO B 92 2.75 -13.51 -1.96
N ASN B 93 2.98 -13.71 -3.25
CA ASN B 93 3.19 -12.57 -4.15
C ASN B 93 2.07 -12.35 -5.15
N PHE B 94 1.11 -13.27 -5.20
CA PHE B 94 0.04 -13.17 -6.21
C PHE B 94 -1.26 -13.87 -5.78
N GLU B 95 -2.39 -13.25 -6.16
CA GLU B 95 -3.70 -13.89 -5.97
C GLU B 95 -4.66 -13.44 -7.03
N VAL B 96 -5.57 -14.34 -7.41
CA VAL B 96 -6.70 -13.99 -8.26
C VAL B 96 -7.82 -13.69 -7.25
N VAL B 97 -8.44 -12.51 -7.39
CA VAL B 97 -9.57 -12.14 -6.55
C VAL B 97 -10.79 -12.00 -7.48
N ALA B 98 -11.53 -13.10 -7.66
CA ALA B 98 -12.71 -13.07 -8.52
C ALA B 98 -13.95 -12.78 -7.65
N ILE B 99 -14.60 -11.65 -7.93
CA ILE B 99 -15.75 -11.16 -7.18
C ILE B 99 -17.04 -11.38 -7.99
N ASN B 100 -17.90 -12.25 -7.47
CA ASN B 100 -19.21 -12.47 -8.06
C ASN B 100 -20.09 -11.26 -7.76
N ILE B 101 -20.83 -10.82 -8.78
CA ILE B 101 -21.71 -9.67 -8.60
C ILE B 101 -23.19 -9.92 -8.92
N ASP B 102 -23.62 -11.16 -8.78
CA ASP B 102 -25.05 -11.52 -8.94
C ASP B 102 -25.80 -10.75 -7.86
N THR B 103 -26.92 -10.11 -8.23
CA THR B 103 -27.77 -9.37 -7.28
C THR B 103 -29.08 -10.11 -7.03
N ARG B 104 -29.38 -11.09 -7.86
CA ARG B 104 -30.57 -11.92 -7.72
C ARG B 104 -30.12 -13.37 -7.65
N ASP B 105 -30.88 -14.18 -6.92
CA ASP B 105 -30.64 -15.61 -6.86
C ASP B 105 -29.24 -15.84 -6.29
N PRO B 106 -29.11 -15.68 -4.98
CA PRO B 106 -27.80 -15.81 -4.33
C PRO B 106 -27.22 -17.23 -4.26
N GLU B 107 -27.98 -18.28 -4.54
CA GLU B 107 -27.37 -19.61 -4.45
C GLU B 107 -26.81 -20.02 -5.82
N LYS B 108 -27.27 -19.35 -6.87
CA LYS B 108 -26.87 -19.67 -8.23
C LYS B 108 -25.35 -19.67 -8.47
N PRO B 109 -24.62 -18.68 -7.99
CA PRO B 109 -23.17 -18.69 -8.24
C PRO B 109 -22.47 -19.85 -7.54
N LYS B 110 -22.94 -20.18 -6.34
CA LYS B 110 -22.39 -21.31 -5.61
C LYS B 110 -22.64 -22.62 -6.33
N THR B 111 -23.85 -22.77 -6.86
CA THR B 111 -24.17 -23.96 -7.62
C THR B 111 -23.29 -24.01 -8.86
N PHE B 112 -23.12 -22.87 -9.53
CA PHE B 112 -22.31 -22.84 -10.73
C PHE B 112 -20.86 -23.28 -10.40
N LEU B 113 -20.27 -22.71 -9.37
CA LEU B 113 -18.91 -23.10 -8.98
C LEU B 113 -18.79 -24.58 -8.58
N LYS B 114 -19.80 -25.14 -7.91
CA LYS B 114 -19.76 -26.55 -7.55
C LYS B 114 -19.89 -27.48 -8.76
N GLU B 115 -20.81 -27.22 -9.68
CA GLU B 115 -20.95 -28.08 -10.85
C GLU B 115 -19.69 -28.05 -11.72
N ALA B 116 -19.02 -26.90 -11.72
CA ALA B 116 -17.79 -26.73 -12.51
C ALA B 116 -16.55 -27.15 -11.73
N ASN B 117 -16.77 -27.58 -10.49
CA ASN B 117 -15.69 -28.04 -9.62
C ASN B 117 -14.57 -27.00 -9.48
N LEU B 118 -14.95 -25.76 -9.19
CA LEU B 118 -13.98 -24.69 -9.02
C LEU B 118 -13.95 -24.30 -7.55
N THR B 119 -12.90 -24.70 -6.84
CA THR B 119 -12.83 -24.37 -5.39
C THR B 119 -11.68 -23.43 -5.07
N ARG B 120 -10.74 -23.28 -5.99
CA ARG B 120 -9.58 -22.50 -5.72
C ARG B 120 -9.80 -21.01 -5.61
N LEU B 121 -10.86 -20.52 -6.25
CA LEU B 121 -11.18 -19.09 -6.21
C LEU B 121 -11.87 -18.62 -4.93
N GLY B 122 -12.36 -19.56 -4.13
CA GLY B 122 -13.15 -19.24 -2.95
C GLY B 122 -14.51 -18.74 -3.42
N TYR B 123 -15.07 -17.79 -2.69
CA TYR B 123 -16.29 -17.18 -3.11
C TYR B 123 -16.41 -15.75 -2.67
N PHE B 124 -15.57 -14.90 -3.22
CA PHE B 124 -15.74 -13.48 -2.99
C PHE B 124 -17.01 -13.05 -3.72
N ASN B 125 -17.74 -12.12 -3.12
CA ASN B 125 -18.97 -11.69 -3.73
C ASN B 125 -19.42 -10.32 -3.23
N ASP B 126 -20.21 -9.65 -4.05
CA ASP B 126 -20.77 -8.35 -3.69
C ASP B 126 -22.21 -8.39 -4.20
N GLN B 127 -23.13 -8.77 -3.33
CA GLN B 127 -24.53 -8.89 -3.75
C GLN B 127 -25.16 -7.54 -4.16
N LYS B 128 -24.46 -6.45 -3.87
CA LYS B 128 -24.93 -5.14 -4.30
C LYS B 128 -24.42 -4.73 -5.68
N ALA B 129 -23.37 -5.41 -6.15
CA ALA B 129 -22.74 -5.08 -7.44
C ALA B 129 -22.16 -3.66 -7.47
N LYS B 130 -21.94 -3.10 -6.28
CA LYS B 130 -21.34 -1.79 -6.17
C LYS B 130 -19.88 -1.80 -6.68
N VAL B 131 -19.18 -2.92 -6.54
CA VAL B 131 -17.81 -2.95 -7.06
C VAL B 131 -17.83 -2.62 -8.55
N PHE B 132 -18.88 -3.04 -9.24
CA PHE B 132 -19.00 -2.74 -10.66
C PHE B 132 -19.20 -1.23 -10.86
N GLN B 133 -20.01 -0.61 -10.01
CA GLN B 133 -20.17 0.85 -10.14
C GLN B 133 -18.88 1.60 -9.84
N ASP B 134 -18.15 1.13 -8.83
CA ASP B 134 -16.86 1.70 -8.47
C ASP B 134 -15.88 1.76 -9.66
N LEU B 135 -15.79 0.66 -10.42
CA LEU B 135 -14.93 0.61 -11.59
C LEU B 135 -15.56 1.38 -12.73
N LYS B 136 -16.90 1.34 -12.81
CA LYS B 136 -17.57 2.08 -13.87
C LYS B 136 -17.22 3.56 -13.73
N ALA B 137 -17.41 4.09 -12.51
CA ALA B 137 -17.09 5.49 -12.22
C ALA B 137 -15.73 5.98 -12.74
N ILE B 138 -14.72 5.11 -12.80
CA ILE B 138 -13.38 5.53 -13.21
C ILE B 138 -12.99 5.10 -14.60
N GLY B 139 -13.97 4.65 -15.39
CA GLY B 139 -13.72 4.30 -16.77
C GLY B 139 -13.04 2.98 -16.96
N ARG B 140 -13.27 2.05 -16.05
CA ARG B 140 -12.61 0.74 -16.10
C ARG B 140 -13.53 -0.45 -16.08
N ALA B 141 -14.83 -0.23 -16.28
CA ALA B 141 -15.76 -1.33 -16.37
C ALA B 141 -16.62 -1.05 -17.59
N LEU B 142 -16.06 -1.41 -18.75
CA LEU B 142 -16.65 -1.15 -20.05
C LEU B 142 -17.46 -2.35 -20.54
N GLY B 143 -17.34 -3.46 -19.81
CA GLY B 143 -18.02 -4.68 -20.18
C GLY B 143 -17.96 -5.72 -19.07
N MET B 144 -18.53 -6.90 -19.35
CA MET B 144 -18.48 -8.01 -18.42
C MET B 144 -18.10 -9.24 -19.23
N PRO B 145 -17.11 -9.99 -18.77
CA PRO B 145 -16.38 -9.67 -17.52
C PRO B 145 -15.43 -8.48 -17.65
N THR B 146 -14.98 -7.97 -16.50
CA THR B 146 -13.87 -7.01 -16.47
C THR B 146 -12.83 -7.61 -15.54
N SER B 147 -11.55 -7.58 -15.93
CA SER B 147 -10.49 -8.00 -15.01
C SER B 147 -9.43 -6.91 -14.96
N VAL B 148 -8.83 -6.70 -13.79
CA VAL B 148 -7.84 -5.65 -13.66
C VAL B 148 -6.61 -6.27 -12.99
N LEU B 149 -5.45 -6.06 -13.60
CA LEU B 149 -4.18 -6.52 -13.02
C LEU B 149 -3.72 -5.37 -12.12
N VAL B 150 -3.52 -5.65 -10.83
CA VAL B 150 -3.30 -4.57 -9.84
C VAL B 150 -1.93 -4.81 -9.20
N ASP B 151 -1.15 -3.76 -8.97
CA ASP B 151 0.17 -3.95 -8.40
C ASP B 151 0.09 -4.06 -6.86
N PRO B 152 1.19 -4.33 -6.17
CA PRO B 152 1.17 -4.48 -4.70
C PRO B 152 0.84 -3.19 -3.95
N GLN B 153 0.73 -2.07 -4.65
CA GLN B 153 0.36 -0.82 -4.01
C GLN B 153 -1.07 -0.43 -4.34
N GLY B 154 -1.83 -1.36 -4.95
CA GLY B 154 -3.24 -1.09 -5.26
C GLY B 154 -3.42 -0.24 -6.49
N CYS B 155 -2.41 -0.24 -7.38
CA CYS B 155 -2.42 0.60 -8.56
C CYS B 155 -2.72 -0.18 -9.82
N GLU B 156 -3.38 0.44 -10.80
CA GLU B 156 -3.61 -0.27 -12.06
C GLU B 156 -2.37 -0.56 -12.88
N ILE B 157 -2.19 -1.83 -13.27
CA ILE B 157 -1.17 -2.19 -14.25
C ILE B 157 -1.84 -2.32 -15.65
N ALA B 158 -3.01 -2.95 -15.69
CA ALA B 158 -3.74 -3.16 -16.95
C ALA B 158 -5.18 -3.60 -16.65
N THR B 159 -6.06 -3.43 -17.63
CA THR B 159 -7.45 -3.85 -17.52
C THR B 159 -7.89 -4.49 -18.84
N ILE B 160 -8.74 -5.50 -18.76
CA ILE B 160 -9.28 -6.11 -19.97
C ILE B 160 -10.79 -6.12 -19.85
N ALA B 161 -11.47 -5.63 -20.90
CA ALA B 161 -12.94 -5.63 -20.92
C ALA B 161 -13.37 -6.82 -21.76
N GLY B 162 -13.38 -7.99 -21.12
CA GLY B 162 -13.71 -9.23 -21.77
C GLY B 162 -12.92 -10.37 -21.16
N PRO B 163 -13.20 -11.58 -21.63
CA PRO B 163 -12.56 -12.78 -21.11
C PRO B 163 -11.21 -13.13 -21.76
N ALA B 164 -10.43 -14.00 -21.11
CA ALA B 164 -9.17 -14.44 -21.70
C ALA B 164 -8.82 -15.84 -21.26
N GLU B 165 -7.94 -16.53 -21.97
CA GLU B 165 -7.48 -17.83 -21.53
C GLU B 165 -6.34 -17.60 -20.52
N TRP B 166 -6.74 -17.41 -19.26
CA TRP B 166 -5.84 -17.03 -18.20
C TRP B 166 -4.84 -18.06 -17.77
N ALA B 167 -5.00 -19.29 -18.24
CA ALA B 167 -4.07 -20.34 -17.85
C ALA B 167 -3.07 -20.61 -18.97
N SER B 168 -3.21 -19.88 -20.08
CA SER B 168 -2.31 -20.01 -21.23
C SER B 168 -0.90 -19.52 -20.91
N GLU B 169 0.06 -19.97 -21.72
CA GLU B 169 1.44 -19.55 -21.57
C GLU B 169 1.52 -18.07 -21.74
N ASP B 170 0.76 -17.52 -22.68
CA ASP B 170 0.76 -16.08 -22.93
C ASP B 170 0.41 -15.35 -21.62
N ALA B 171 -0.68 -15.81 -21.00
CA ALA B 171 -1.15 -15.18 -19.78
C ALA B 171 -0.18 -15.34 -18.63
N LEU B 172 0.33 -16.55 -18.42
CA LEU B 172 1.26 -16.81 -17.31
C LEU B 172 2.53 -16.00 -17.45
N LYS B 173 3.07 -15.91 -18.68
CA LYS B 173 4.30 -15.14 -18.88
C LYS B 173 4.11 -13.67 -18.50
N LEU B 174 2.96 -13.12 -18.89
CA LEU B 174 2.64 -11.72 -18.60
C LEU B 174 2.52 -11.50 -17.11
N ILE B 175 1.81 -12.38 -16.42
CA ILE B 175 1.60 -12.22 -15.00
C ILE B 175 2.88 -12.46 -14.20
N ARG B 176 3.65 -13.49 -14.57
CA ARG B 176 4.92 -13.74 -13.89
C ARG B 176 5.84 -12.54 -14.04
N ALA B 177 5.85 -11.94 -15.23
CA ALA B 177 6.64 -10.73 -15.44
C ALA B 177 6.16 -9.53 -14.60
N ALA B 178 4.85 -9.41 -14.41
CA ALA B 178 4.34 -8.32 -13.59
C ALA B 178 4.77 -8.53 -12.15
N THR B 179 4.72 -9.77 -11.69
CA THR B 179 5.02 -10.11 -10.32
C THR B 179 6.50 -9.97 -10.01
N GLY B 180 7.34 -10.35 -10.97
CA GLY B 180 8.79 -10.29 -10.83
C GLY B 180 9.32 -8.89 -11.05
#